data_3CKJ
#
_entry.id   3CKJ
#
_cell.length_a   86.6
_cell.length_b   86.6
_cell.length_c   104.3
_cell.angle_alpha   90.00
_cell.angle_beta   90.00
_cell.angle_gamma   90.00
#
_symmetry.space_group_name_H-M   'P 41 21 2'
#
loop_
_entity.id
_entity.type
_entity.pdbx_description
1 polymer 'Putative uncharacterized protein'
2 non-polymer 'PHOSPHATE ION'
3 non-polymer 'CITRIC ACID'
4 non-polymer (4R)-2-METHYLPENTANE-2,4-DIOL
5 water water
#
_entity_poly.entity_id   1
_entity_poly.type   'polypeptide(L)'
_entity_poly.pdbx_seq_one_letter_code
;MTTSDLVAGELAGDGLRDTRPGDTWLADRSWNRPGWTVAELEAAKAGRTISVVLPALDEEDTIGSVIDSISPLVDGLVDE
LIVLDSGSTDDTEIRAVAAGARVVSREQALPEVPIRPGKGEALWRSLAASRGDIVVFVDSDLINPHPMFVPWLVGPLLTG
DGVHLVKSFYRRPLNVGDAGGGAGATGGGRVTELVARPLLAALRPELGCILQPLGGEYAATRELLTSVPFAPGYGVEIGL
LVDTFDRLGLDAIAQVNLGVREHRNRPLAELGAMSRQVIATLLSRCGIPDSGVGLTQFVADGPEGQSYTQHTWPVSLADR
PPMQAIRPR
;
_entity_poly.pdbx_strand_id   A
#
loop_
_chem_comp.id
_chem_comp.type
_chem_comp.name
_chem_comp.formula
CIT non-polymer 'CITRIC ACID' 'C6 H8 O7'
MRD non-polymer (4R)-2-METHYLPENTANE-2,4-DIOL 'C6 H14 O2'
PO4 non-polymer 'PHOSPHATE ION' 'O4 P -3'
#
# COMPACT_ATOMS: atom_id res chain seq x y z
N GLY A 15 -22.11 2.93 -13.77
CA GLY A 15 -21.04 2.32 -12.72
C GLY A 15 -19.63 2.83 -13.06
N LEU A 16 -18.86 2.01 -13.82
CA LEU A 16 -17.62 2.54 -14.42
C LEU A 16 -17.90 3.38 -15.68
N ARG A 17 -19.18 3.54 -16.04
CA ARG A 17 -19.58 4.44 -17.15
C ARG A 17 -19.73 5.91 -16.73
N ASP A 18 -19.78 6.14 -15.40
CA ASP A 18 -19.92 7.50 -14.87
C ASP A 18 -19.36 7.50 -13.45
N THR A 19 -18.07 7.84 -13.34
CA THR A 19 -17.40 7.80 -12.03
C THR A 19 -16.61 9.07 -11.75
N ARG A 20 -16.80 9.53 -10.35
CA ARG A 20 -16.21 10.90 -10.10
C ARG A 20 -15.37 10.55 -8.93
N PRO A 21 -14.25 11.32 -8.76
CA PRO A 21 -13.31 10.93 -7.66
C PRO A 21 -14.11 10.91 -6.32
N GLY A 22 -13.94 9.84 -5.55
CA GLY A 22 -14.69 9.64 -4.29
C GLY A 22 -15.62 8.45 -4.34
N ASP A 23 -15.97 8.07 -5.59
CA ASP A 23 -16.93 6.99 -5.80
C ASP A 23 -16.42 5.65 -5.33
N THR A 24 -17.31 4.89 -4.72
CA THR A 24 -16.99 3.59 -4.12
C THR A 24 -17.69 2.46 -4.87
N TRP A 25 -16.90 1.48 -5.31
CA TRP A 25 -17.39 0.25 -5.90
C TRP A 25 -17.36 -0.82 -4.83
N LEU A 26 -18.51 -1.38 -4.52
CA LEU A 26 -18.60 -2.48 -3.57
C LEU A 26 -18.57 -3.81 -4.33
N ALA A 27 -18.50 -4.93 -3.59
CA ALA A 27 -18.22 -6.24 -4.21
C ALA A 27 -19.33 -6.77 -5.11
N ASP A 28 -20.58 -6.54 -4.69
CA ASP A 28 -21.76 -6.99 -5.41
C ASP A 28 -22.05 -6.16 -6.67
N ARG A 29 -20.99 -5.54 -7.21
CA ARG A 29 -21.06 -4.61 -8.36
C ARG A 29 -21.88 -3.34 -8.13
N SER A 30 -22.25 -3.06 -6.87
CA SER A 30 -22.96 -1.83 -6.53
C SER A 30 -21.98 -0.69 -6.27
N TRP A 31 -22.44 0.55 -6.49
CA TRP A 31 -21.61 1.75 -6.30
C TRP A 31 -22.22 2.71 -5.31
N ASN A 32 -21.37 3.57 -4.74
CA ASN A 32 -21.81 4.65 -3.89
C ASN A 32 -21.04 5.96 -4.19
N ARG A 33 -21.78 7.05 -4.32
CA ARG A 33 -21.18 8.39 -4.46
C ARG A 33 -21.38 9.13 -3.14
N PRO A 34 -20.28 9.30 -2.36
CA PRO A 34 -20.31 9.92 -1.03
C PRO A 34 -20.89 11.33 -1.02
N GLY A 35 -21.72 11.63 -0.01
CA GLY A 35 -22.32 12.96 0.11
C GLY A 35 -21.96 13.65 1.41
N TRP A 36 -21.03 13.03 2.18
CA TRP A 36 -20.59 13.59 3.47
C TRP A 36 -19.59 14.72 3.28
N THR A 37 -19.54 15.65 4.25
CA THR A 37 -18.41 16.60 4.34
C THR A 37 -17.35 15.91 5.21
N VAL A 38 -16.12 16.44 5.17
CA VAL A 38 -15.03 15.92 6.03
C VAL A 38 -15.45 16.02 7.50
N ALA A 39 -16.11 17.14 7.84
CA ALA A 39 -16.69 17.33 9.18
C ALA A 39 -17.65 16.18 9.55
N GLU A 40 -18.61 15.90 8.58
CA GLU A 40 -19.55 14.78 8.77
C GLU A 40 -18.87 13.42 8.91
N LEU A 41 -17.85 13.16 8.08
CA LEU A 41 -17.03 11.95 8.19
CA LEU A 41 -17.05 11.94 8.21
C LEU A 41 -16.42 11.85 9.60
N GLU A 42 -15.76 12.99 10.01
CA GLU A 42 -15.20 13.03 11.36
C GLU A 42 -16.23 12.63 12.43
N ALA A 43 -17.48 13.09 12.26
CA ALA A 43 -18.54 12.78 13.22
C ALA A 43 -18.87 11.29 13.23
N ALA A 44 -18.78 10.66 12.05
CA ALA A 44 -19.10 9.24 11.87
C ALA A 44 -18.07 8.28 12.45
N LYS A 45 -16.94 8.82 12.95
CA LYS A 45 -15.86 7.96 13.48
C LYS A 45 -16.35 7.15 14.67
N ALA A 46 -17.25 7.76 15.46
CA ALA A 46 -17.88 7.12 16.61
C ALA A 46 -16.85 6.49 17.56
N GLY A 47 -15.88 7.31 18.01
CA GLY A 47 -14.85 6.79 18.93
C GLY A 47 -13.65 6.11 18.28
N ARG A 48 -13.84 5.56 17.08
CA ARG A 48 -12.75 4.92 16.31
C ARG A 48 -11.68 5.97 15.98
N THR A 49 -10.42 5.54 15.98
CA THR A 49 -9.33 6.46 15.65
C THR A 49 -8.74 6.12 14.27
N ILE A 50 -8.07 7.10 13.67
CA ILE A 50 -7.46 6.95 12.34
C ILE A 50 -5.99 7.37 12.37
N SER A 51 -5.13 6.46 11.94
CA SER A 51 -3.73 6.74 11.66
C SER A 51 -3.50 6.83 10.15
N VAL A 52 -2.68 7.80 9.75
CA VAL A 52 -2.15 7.80 8.39
C VAL A 52 -0.65 7.49 8.42
N VAL A 53 -0.23 6.55 7.59
CA VAL A 53 1.16 6.10 7.53
C VAL A 53 1.74 6.33 6.15
N LEU A 54 2.86 7.06 6.10
CA LEU A 54 3.58 7.32 4.86
C LEU A 54 4.89 6.54 4.91
N PRO A 55 4.98 5.41 4.17
CA PRO A 55 6.30 4.75 4.10
C PRO A 55 7.22 5.65 3.27
N ALA A 56 8.49 5.76 3.68
CA ALA A 56 9.41 6.66 2.97
C ALA A 56 10.81 6.07 2.89
N LEU A 57 11.40 6.13 1.71
CA LEU A 57 12.79 5.78 1.51
C LEU A 57 13.33 6.77 0.46
N ASP A 58 14.15 7.71 0.93
CA ASP A 58 14.81 8.70 0.07
C ASP A 58 13.78 9.44 -0.81
N GLU A 59 12.89 10.16 -0.12
N GLU A 59 12.89 10.17 -0.14
CA GLU A 59 11.76 10.85 -0.74
CA GLU A 59 11.84 10.88 -0.86
C GLU A 59 11.73 12.34 -0.39
C GLU A 59 11.73 12.34 -0.40
N GLU A 60 12.90 12.96 -0.25
CA GLU A 60 13.02 14.35 0.22
C GLU A 60 12.37 15.42 -0.66
N ASP A 61 12.27 15.15 -1.97
CA ASP A 61 11.68 16.10 -2.91
C ASP A 61 10.17 16.18 -2.76
N THR A 62 9.55 15.03 -2.51
CA THR A 62 8.10 14.90 -2.58
C THR A 62 7.37 14.81 -1.24
N ILE A 63 8.04 14.31 -0.20
CA ILE A 63 7.36 14.01 1.08
C ILE A 63 6.67 15.20 1.81
N GLY A 64 7.29 16.37 1.82
CA GLY A 64 6.67 17.53 2.48
C GLY A 64 5.31 17.84 1.88
N SER A 65 5.28 17.78 0.55
CA SER A 65 4.08 18.04 -0.25
C SER A 65 2.93 17.09 0.08
N VAL A 66 3.26 15.81 0.19
CA VAL A 66 2.31 14.78 0.58
C VAL A 66 1.76 15.09 1.98
N ILE A 67 2.68 15.29 2.94
CA ILE A 67 2.30 15.65 4.33
C ILE A 67 1.37 16.86 4.34
N ASP A 68 1.73 17.89 3.57
CA ASP A 68 0.96 19.12 3.47
C ASP A 68 -0.48 18.89 3.04
N SER A 69 -0.68 17.90 2.15
CA SER A 69 -2.01 17.57 1.64
C SER A 69 -2.89 16.94 2.72
N ILE A 70 -2.19 16.47 3.88
CA ILE A 70 -2.89 15.79 4.96
C ILE A 70 -2.90 16.54 6.29
N SER A 71 -1.71 17.20 6.62
CA SER A 71 -1.66 18.09 7.80
C SER A 71 -3.02 18.66 8.29
N PRO A 72 -3.80 19.34 7.40
CA PRO A 72 -5.05 20.05 7.82
C PRO A 72 -6.11 19.17 8.53
N LEU A 73 -5.95 17.83 8.41
CA LEU A 73 -6.86 16.85 9.05
C LEU A 73 -6.43 16.44 10.46
N VAL A 74 -5.15 16.71 10.80
CA VAL A 74 -4.60 16.19 12.06
C VAL A 74 -5.30 16.84 13.28
N ASP A 75 -5.66 15.99 14.24
CA ASP A 75 -6.50 16.34 15.41
C ASP A 75 -7.98 16.54 15.06
N GLY A 76 -8.31 16.26 13.79
CA GLY A 76 -9.70 16.25 13.31
C GLY A 76 -10.03 14.85 12.83
N LEU A 77 -10.20 14.67 11.52
CA LEU A 77 -10.45 13.34 10.99
C LEU A 77 -9.27 12.39 11.28
N VAL A 78 -8.05 12.89 11.10
CA VAL A 78 -6.84 12.08 11.31
C VAL A 78 -6.27 12.30 12.73
N ASP A 79 -6.13 11.21 13.48
CA ASP A 79 -5.65 11.28 14.85
C ASP A 79 -4.13 11.36 14.94
N GLU A 80 -3.45 10.65 14.04
CA GLU A 80 -1.99 10.72 13.96
C GLU A 80 -1.50 10.55 12.53
N LEU A 81 -0.42 11.25 12.21
CA LEU A 81 0.23 11.13 10.90
C LEU A 81 1.70 10.74 11.11
N ILE A 82 2.07 9.57 10.59
CA ILE A 82 3.39 9.01 10.82
C ILE A 82 4.10 8.74 9.49
N VAL A 83 5.34 9.20 9.41
CA VAL A 83 6.24 8.77 8.34
C VAL A 83 7.08 7.58 8.83
N LEU A 84 6.97 6.44 8.16
CA LEU A 84 7.79 5.30 8.52
C LEU A 84 9.01 5.33 7.61
N ASP A 85 10.10 5.83 8.17
CA ASP A 85 11.34 6.00 7.43
C ASP A 85 12.10 4.68 7.34
N SER A 86 12.36 4.24 6.10
CA SER A 86 12.92 2.90 5.85
CA SER A 86 12.91 2.91 5.82
C SER A 86 14.42 2.91 5.53
N GLY A 87 15.15 3.79 6.22
CA GLY A 87 16.59 3.87 6.10
C GLY A 87 17.07 4.92 5.13
N SER A 88 16.33 6.01 5.01
CA SER A 88 16.70 7.15 4.15
C SER A 88 18.06 7.70 4.53
N THR A 89 18.84 8.10 3.54
CA THR A 89 20.13 8.76 3.77
C THR A 89 20.15 10.18 3.18
N ASP A 90 19.06 10.57 2.53
CA ASP A 90 18.87 11.95 2.10
C ASP A 90 18.22 12.77 3.22
N ASP A 91 17.50 13.82 2.86
CA ASP A 91 16.88 14.72 3.85
C ASP A 91 15.41 14.40 4.16
N THR A 92 14.96 13.18 3.82
CA THR A 92 13.57 12.76 4.08
C THR A 92 13.10 13.07 5.51
N GLU A 93 13.89 12.66 6.51
CA GLU A 93 13.49 12.78 7.91
C GLU A 93 13.26 14.25 8.32
N ILE A 94 14.26 15.10 8.12
CA ILE A 94 14.16 16.50 8.55
C ILE A 94 13.04 17.24 7.82
N ARG A 95 12.85 16.92 6.53
CA ARG A 95 11.78 17.53 5.74
C ARG A 95 10.37 17.14 6.20
N ALA A 96 10.22 15.89 6.63
CA ALA A 96 8.97 15.38 7.16
C ALA A 96 8.64 16.06 8.49
N VAL A 97 9.64 16.17 9.37
CA VAL A 97 9.46 16.83 10.67
C VAL A 97 9.05 18.29 10.44
N ALA A 98 9.72 18.97 9.52
CA ALA A 98 9.47 20.39 9.23
C ALA A 98 8.04 20.63 8.74
N ALA A 99 7.48 19.65 8.02
CA ALA A 99 6.11 19.73 7.52
C ALA A 99 5.07 19.25 8.55
N GLY A 100 5.53 18.79 9.72
CA GLY A 100 4.65 18.48 10.83
C GLY A 100 4.28 17.02 11.03
N ALA A 101 4.95 16.11 10.34
CA ALA A 101 4.72 14.69 10.55
C ALA A 101 5.65 14.13 11.64
N ARG A 102 5.17 13.09 12.32
CA ARG A 102 5.98 12.33 13.26
C ARG A 102 6.78 11.32 12.45
N VAL A 103 8.11 11.31 12.62
CA VAL A 103 8.94 10.37 11.87
C VAL A 103 9.39 9.24 12.78
N VAL A 104 9.16 8.00 12.32
CA VAL A 104 9.52 6.78 13.05
C VAL A 104 10.39 5.89 12.14
N SER A 105 11.58 5.52 12.59
CA SER A 105 12.43 4.62 11.82
C SER A 105 11.95 3.17 12.01
N ARG A 106 12.44 2.29 11.17
CA ARG A 106 12.15 0.85 11.33
C ARG A 106 12.55 0.33 12.73
N GLU A 107 13.72 0.75 13.18
CA GLU A 107 14.23 0.40 14.49
C GLU A 107 13.31 0.90 15.60
N GLN A 108 12.90 2.18 15.50
CA GLN A 108 12.08 2.76 16.56
C GLN A 108 10.71 2.10 16.66
N ALA A 109 10.13 1.74 15.51
CA ALA A 109 8.80 1.12 15.42
C ALA A 109 8.74 -0.21 16.17
N LEU A 110 9.82 -0.98 16.09
CA LEU A 110 9.85 -2.33 16.66
C LEU A 110 11.29 -2.71 16.97
N PRO A 111 11.85 -2.17 18.06
CA PRO A 111 13.28 -2.36 18.34
C PRO A 111 13.70 -3.81 18.62
N GLU A 112 12.76 -4.66 18.99
CA GLU A 112 13.11 -6.00 19.52
C GLU A 112 13.08 -7.08 18.43
N VAL A 113 13.00 -6.67 17.18
CA VAL A 113 13.03 -7.59 16.03
C VAL A 113 14.03 -7.01 15.01
N PRO A 114 15.00 -7.84 14.57
CA PRO A 114 15.96 -7.37 13.56
C PRO A 114 15.27 -6.96 12.27
N ILE A 115 15.88 -5.97 11.60
CA ILE A 115 15.25 -5.47 10.39
C ILE A 115 15.56 -6.35 9.20
N ARG A 116 14.54 -6.55 8.35
CA ARG A 116 14.71 -7.13 7.02
C ARG A 116 14.52 -6.02 5.98
N PRO A 117 15.21 -6.13 4.82
CA PRO A 117 15.02 -5.07 3.78
C PRO A 117 13.63 -5.12 3.11
N GLY A 118 13.24 -4.02 2.46
CA GLY A 118 12.03 -4.03 1.63
C GLY A 118 10.88 -3.24 2.19
N LYS A 119 9.96 -2.91 1.28
CA LYS A 119 8.79 -2.11 1.61
C LYS A 119 7.85 -2.80 2.61
N GLY A 120 7.55 -4.08 2.37
CA GLY A 120 6.64 -4.83 3.27
C GLY A 120 7.04 -4.73 4.75
N GLU A 121 8.35 -4.81 5.00
CA GLU A 121 8.89 -4.70 6.36
C GLU A 121 8.47 -3.37 6.99
N ALA A 122 8.64 -2.28 6.22
CA ALA A 122 8.28 -0.97 6.71
C ALA A 122 6.80 -0.86 7.05
N LEU A 123 5.93 -1.38 6.16
CA LEU A 123 4.48 -1.29 6.40
CA LEU A 123 4.48 -1.31 6.37
C LEU A 123 4.11 -2.13 7.61
N TRP A 124 4.72 -3.30 7.70
CA TRP A 124 4.44 -4.17 8.85
C TRP A 124 4.85 -3.48 10.16
N ARG A 125 6.06 -2.91 10.18
CA ARG A 125 6.56 -2.25 11.40
C ARG A 125 5.67 -1.06 11.78
N SER A 126 5.13 -0.38 10.75
CA SER A 126 4.22 0.75 11.01
C SER A 126 2.97 0.37 11.82
N LEU A 127 2.58 -0.90 11.78
CA LEU A 127 1.48 -1.39 12.64
C LEU A 127 1.81 -1.27 14.11
N ALA A 128 3.07 -1.53 14.45
CA ALA A 128 3.54 -1.42 15.83
C ALA A 128 3.71 0.04 16.24
N ALA A 129 4.04 0.90 15.28
CA ALA A 129 4.27 2.31 15.58
C ALA A 129 2.95 3.09 15.70
N SER A 130 1.91 2.59 15.06
CA SER A 130 0.63 3.31 15.00
C SER A 130 -0.40 2.75 15.98
N ARG A 131 -1.38 3.57 16.33
CA ARG A 131 -2.41 3.15 17.28
C ARG A 131 -3.85 3.19 16.74
N GLY A 132 -4.04 3.78 15.56
CA GLY A 132 -5.37 3.95 14.99
C GLY A 132 -6.13 2.65 14.78
N ASP A 133 -7.42 2.66 15.09
CA ASP A 133 -8.29 1.51 14.80
C ASP A 133 -8.40 1.28 13.29
N ILE A 134 -8.18 2.36 12.54
CA ILE A 134 -8.13 2.38 11.08
C ILE A 134 -6.78 2.96 10.67
N VAL A 135 -6.15 2.31 9.71
CA VAL A 135 -4.86 2.78 9.21
C VAL A 135 -4.98 3.03 7.70
N VAL A 136 -4.55 4.22 7.28
CA VAL A 136 -4.52 4.60 5.88
C VAL A 136 -3.06 4.73 5.44
N PHE A 137 -2.72 4.03 4.35
CA PHE A 137 -1.39 4.09 3.75
C PHE A 137 -1.36 4.96 2.51
N VAL A 138 -0.35 5.84 2.46
CA VAL A 138 -0.22 6.74 1.31
C VAL A 138 1.26 6.80 0.96
N ASP A 139 1.58 6.59 -0.32
CA ASP A 139 2.99 6.59 -0.68
C ASP A 139 3.53 8.02 -0.66
N SER A 140 4.79 8.16 -0.25
CA SER A 140 5.37 9.49 -0.06
C SER A 140 6.04 10.04 -1.33
N ASP A 141 5.87 9.33 -2.44
CA ASP A 141 6.31 9.79 -3.75
C ASP A 141 5.17 10.22 -4.66
N LEU A 142 3.99 10.46 -4.09
CA LEU A 142 2.91 11.13 -4.83
C LEU A 142 3.27 12.58 -5.17
N ILE A 143 2.84 13.03 -6.35
CA ILE A 143 3.00 14.39 -6.80
C ILE A 143 1.63 15.06 -6.86
N ASN A 144 1.50 16.16 -6.12
CA ASN A 144 0.26 16.91 -6.04
C ASN A 144 -0.94 16.08 -5.57
N PRO A 145 -0.79 15.31 -4.46
CA PRO A 145 -1.91 14.44 -4.06
C PRO A 145 -3.11 15.28 -3.59
N HIS A 146 -4.32 14.89 -4.03
CA HIS A 146 -5.52 15.66 -3.69
C HIS A 146 -5.76 15.47 -2.17
N PRO A 147 -6.07 16.57 -1.46
CA PRO A 147 -6.28 16.54 0.00
C PRO A 147 -7.35 15.55 0.44
N MET A 148 -8.22 15.14 -0.51
CA MET A 148 -9.34 14.24 -0.21
C MET A 148 -8.98 12.77 -0.31
N PHE A 149 -7.73 12.51 -0.69
CA PHE A 149 -7.31 11.14 -0.78
C PHE A 149 -7.69 10.41 0.52
N VAL A 150 -7.25 10.94 1.67
CA VAL A 150 -7.45 10.22 2.94
C VAL A 150 -8.96 10.08 3.30
N PRO A 151 -9.73 11.20 3.31
CA PRO A 151 -11.19 11.11 3.47
C PRO A 151 -11.88 10.09 2.53
N TRP A 152 -11.54 10.13 1.24
CA TRP A 152 -12.11 9.16 0.29
C TRP A 152 -11.79 7.68 0.62
N LEU A 153 -10.61 7.42 1.17
CA LEU A 153 -10.15 6.08 1.46
C LEU A 153 -10.79 5.57 2.76
N VAL A 154 -10.97 6.48 3.72
CA VAL A 154 -11.58 6.11 5.00
C VAL A 154 -13.09 6.00 4.89
N GLY A 155 -13.66 6.74 3.95
CA GLY A 155 -15.13 6.77 3.74
C GLY A 155 -15.84 5.44 3.90
N PRO A 156 -15.53 4.44 3.04
CA PRO A 156 -16.21 3.13 3.11
C PRO A 156 -16.01 2.37 4.42
N LEU A 157 -14.94 2.69 5.16
CA LEU A 157 -14.69 2.07 6.45
C LEU A 157 -15.61 2.66 7.53
N LEU A 158 -15.96 3.93 7.39
CA LEU A 158 -16.72 4.60 8.44
C LEU A 158 -18.21 4.42 8.21
N THR A 159 -18.58 4.20 6.95
CA THR A 159 -19.97 3.86 6.59
C THR A 159 -20.12 2.36 6.72
N GLY A 160 -20.53 1.94 7.93
CA GLY A 160 -20.50 0.55 8.37
C GLY A 160 -21.33 -0.41 7.54
N ASP A 161 -20.67 -1.09 6.61
CA ASP A 161 -21.28 -2.13 5.78
C ASP A 161 -20.35 -3.35 5.53
N GLY A 162 -19.46 -3.65 6.49
CA GLY A 162 -18.63 -4.86 6.43
C GLY A 162 -17.39 -4.78 5.55
N VAL A 163 -17.00 -3.56 5.17
CA VAL A 163 -15.78 -3.33 4.44
C VAL A 163 -14.60 -3.28 5.44
N HIS A 164 -13.54 -4.01 5.15
CA HIS A 164 -12.33 -4.02 5.99
C HIS A 164 -11.08 -3.52 5.28
N LEU A 165 -11.12 -3.49 3.95
CA LEU A 165 -10.01 -3.04 3.13
C LEU A 165 -10.56 -2.20 1.99
N VAL A 166 -9.96 -1.03 1.80
CA VAL A 166 -10.34 -0.09 0.74
C VAL A 166 -9.14 0.10 -0.16
N LYS A 167 -9.24 -0.37 -1.39
CA LYS A 167 -8.17 -0.19 -2.37
C LYS A 167 -8.56 1.03 -3.19
N SER A 168 -7.59 1.69 -3.79
CA SER A 168 -7.92 2.83 -4.65
C SER A 168 -7.69 2.45 -6.13
N PHE A 169 -8.33 3.20 -7.00
CA PHE A 169 -7.97 3.20 -8.41
C PHE A 169 -7.90 4.64 -8.87
N TYR A 170 -7.27 4.86 -10.02
CA TYR A 170 -6.92 6.20 -10.44
C TYR A 170 -6.50 6.15 -11.87
N ARG A 171 -6.51 7.32 -12.46
CA ARG A 171 -6.05 7.49 -13.80
C ARG A 171 -4.63 7.96 -13.73
N ARG A 172 -3.77 7.22 -14.43
CA ARG A 172 -2.38 7.57 -14.60
C ARG A 172 -2.27 8.76 -15.53
N PRO A 173 -1.69 9.87 -15.04
CA PRO A 173 -1.78 11.08 -15.85
C PRO A 173 -1.00 11.00 -17.16
N GLY A 189 2.60 1.51 -14.28
CA GLY A 189 1.53 0.57 -14.61
C GLY A 189 1.95 -0.75 -15.25
N ARG A 190 3.20 -0.89 -15.71
CA ARG A 190 3.60 -2.11 -16.46
C ARG A 190 3.51 -3.36 -15.62
N VAL A 191 3.99 -3.32 -14.36
CA VAL A 191 3.94 -4.52 -13.51
C VAL A 191 2.48 -4.79 -13.14
N THR A 192 1.70 -3.73 -12.93
CA THR A 192 0.28 -3.96 -12.66
C THR A 192 -0.43 -4.63 -13.86
N GLU A 193 -0.24 -4.07 -15.04
CA GLU A 193 -1.06 -4.45 -16.20
C GLU A 193 -0.60 -5.79 -16.79
N LEU A 194 0.69 -6.04 -16.72
CA LEU A 194 1.27 -7.26 -17.38
C LEU A 194 1.50 -8.42 -16.39
N VAL A 195 1.66 -8.11 -15.11
CA VAL A 195 2.06 -9.18 -14.15
C VAL A 195 0.94 -9.40 -13.15
N ALA A 196 0.66 -8.40 -12.32
CA ALA A 196 -0.29 -8.61 -11.23
C ALA A 196 -1.69 -8.93 -11.73
N ARG A 197 -2.22 -8.14 -12.66
CA ARG A 197 -3.63 -8.34 -13.02
C ARG A 197 -3.80 -9.68 -13.81
N PRO A 198 -2.90 -9.97 -14.78
CA PRO A 198 -3.01 -11.30 -15.47
C PRO A 198 -2.84 -12.52 -14.52
N LEU A 199 -1.91 -12.42 -13.56
CA LEU A 199 -1.72 -13.51 -12.61
CA LEU A 199 -1.71 -13.48 -12.56
C LEU A 199 -2.93 -13.63 -11.67
N LEU A 200 -3.50 -12.50 -11.25
CA LEU A 200 -4.77 -12.59 -10.54
C LEU A 200 -5.93 -13.24 -11.35
N ALA A 201 -6.08 -12.90 -12.64
CA ALA A 201 -7.08 -13.56 -13.50
C ALA A 201 -6.87 -15.08 -13.46
N ALA A 202 -5.60 -15.49 -13.48
CA ALA A 202 -5.24 -16.93 -13.55
C ALA A 202 -5.52 -17.64 -12.23
N LEU A 203 -5.21 -17.00 -11.11
CA LEU A 203 -5.11 -17.71 -9.82
C LEU A 203 -6.19 -17.32 -8.82
N ARG A 204 -6.71 -16.10 -8.96
CA ARG A 204 -7.77 -15.59 -8.06
C ARG A 204 -8.74 -14.77 -8.92
N PRO A 205 -9.44 -15.42 -9.86
CA PRO A 205 -10.17 -14.65 -10.87
C PRO A 205 -11.25 -13.71 -10.33
N GLU A 206 -11.79 -13.97 -9.14
CA GLU A 206 -12.79 -13.07 -8.53
C GLU A 206 -12.17 -11.68 -8.28
N LEU A 207 -10.84 -11.65 -8.06
CA LEU A 207 -10.10 -10.39 -7.89
C LEU A 207 -9.78 -9.68 -9.23
N GLY A 208 -10.29 -10.22 -10.33
CA GLY A 208 -10.16 -9.55 -11.64
C GLY A 208 -10.80 -8.16 -11.69
N CYS A 209 -11.75 -7.90 -10.78
CA CYS A 209 -12.44 -6.59 -10.70
C CYS A 209 -11.57 -5.50 -10.06
N ILE A 210 -10.45 -5.90 -9.47
CA ILE A 210 -9.54 -4.96 -8.78
C ILE A 210 -8.68 -4.22 -9.83
N LEU A 211 -8.90 -2.91 -9.98
CA LEU A 211 -8.23 -2.15 -11.05
C LEU A 211 -6.76 -1.93 -10.76
N GLN A 212 -6.42 -1.68 -9.50
CA GLN A 212 -5.05 -1.33 -9.12
C GLN A 212 -4.61 -2.17 -7.92
N PRO A 213 -4.36 -3.47 -8.15
CA PRO A 213 -4.01 -4.32 -7.02
C PRO A 213 -2.70 -3.99 -6.29
N LEU A 214 -1.77 -3.34 -6.98
CA LEU A 214 -0.46 -3.01 -6.43
C LEU A 214 -0.40 -1.62 -5.83
N GLY A 215 -1.49 -0.86 -5.94
CA GLY A 215 -1.52 0.53 -5.49
C GLY A 215 -1.14 0.74 -4.03
N GLY A 216 -0.33 1.77 -3.78
CA GLY A 216 0.11 2.13 -2.44
C GLY A 216 -0.85 2.99 -1.64
N GLU A 217 -2.01 3.32 -2.21
CA GLU A 217 -3.01 4.11 -1.43
C GLU A 217 -4.18 3.22 -1.02
N TYR A 218 -4.30 2.88 0.26
CA TYR A 218 -5.37 1.99 0.72
C TYR A 218 -5.55 2.14 2.22
N ALA A 219 -6.69 1.69 2.72
CA ALA A 219 -7.03 1.84 4.13
C ALA A 219 -7.57 0.50 4.60
N ALA A 220 -7.30 0.17 5.86
CA ALA A 220 -7.84 -1.05 6.42
C ALA A 220 -8.01 -0.95 7.93
N THR A 221 -8.82 -1.84 8.49
CA THR A 221 -8.97 -1.90 9.95
C THR A 221 -7.75 -2.52 10.58
N ARG A 222 -7.41 -2.07 11.78
CA ARG A 222 -6.30 -2.65 12.52
C ARG A 222 -6.56 -4.15 12.73
N GLU A 223 -7.81 -4.52 13.05
CA GLU A 223 -8.13 -5.93 13.30
C GLU A 223 -7.75 -6.81 12.12
N LEU A 224 -7.99 -6.32 10.91
CA LEU A 224 -7.50 -7.05 9.74
C LEU A 224 -5.98 -7.03 9.64
N LEU A 225 -5.41 -5.84 9.70
CA LEU A 225 -3.98 -5.67 9.41
C LEU A 225 -3.08 -6.51 10.35
N THR A 226 -3.46 -6.58 11.62
CA THR A 226 -2.61 -7.26 12.62
C THR A 226 -2.87 -8.77 12.69
N SER A 227 -3.87 -9.24 11.91
CA SER A 227 -4.29 -10.64 11.91
CA SER A 227 -4.23 -10.65 11.94
C SER A 227 -3.69 -11.45 10.75
N VAL A 228 -3.03 -10.76 9.81
CA VAL A 228 -2.50 -11.39 8.62
C VAL A 228 -0.98 -11.28 8.51
N PRO A 229 -0.33 -12.24 7.85
CA PRO A 229 1.08 -12.04 7.63
C PRO A 229 1.27 -10.92 6.63
N PHE A 230 2.45 -10.28 6.68
CA PHE A 230 2.80 -9.26 5.68
C PHE A 230 3.87 -9.78 4.74
N ALA A 231 3.60 -9.71 3.45
CA ALA A 231 4.57 -10.14 2.43
C ALA A 231 5.75 -9.16 2.40
N PRO A 232 6.93 -9.65 1.98
CA PRO A 232 8.15 -8.86 1.97
C PRO A 232 8.25 -7.98 0.71
N GLY A 233 9.03 -6.90 0.83
CA GLY A 233 9.45 -6.11 -0.38
C GLY A 233 8.26 -5.58 -1.10
N TYR A 234 8.29 -5.67 -2.43
CA TYR A 234 7.17 -5.21 -3.24
C TYR A 234 5.97 -6.13 -3.30
N GLY A 235 5.97 -7.22 -2.49
CA GLY A 235 4.85 -8.13 -2.45
C GLY A 235 3.75 -7.63 -1.49
N VAL A 236 4.03 -6.61 -0.71
CA VAL A 236 3.11 -6.29 0.39
C VAL A 236 1.64 -5.99 0.03
N GLU A 237 1.42 -5.10 -0.95
CA GLU A 237 0.05 -4.69 -1.30
C GLU A 237 -0.74 -5.86 -1.84
N ILE A 238 -0.16 -6.62 -2.76
CA ILE A 238 -0.89 -7.74 -3.33
C ILE A 238 -1.12 -8.86 -2.29
N GLY A 239 -0.15 -9.05 -1.39
CA GLY A 239 -0.27 -10.00 -0.29
C GLY A 239 -1.50 -9.67 0.56
N LEU A 240 -1.65 -8.40 0.90
CA LEU A 240 -2.79 -7.97 1.76
C LEU A 240 -4.10 -8.17 1.03
N LEU A 241 -4.11 -7.83 -0.28
CA LEU A 241 -5.34 -7.99 -1.06
C LEU A 241 -5.78 -9.44 -1.03
N VAL A 242 -4.85 -10.34 -1.38
CA VAL A 242 -5.21 -11.76 -1.47
C VAL A 242 -5.56 -12.39 -0.12
N ASP A 243 -4.80 -12.02 0.92
CA ASP A 243 -5.09 -12.52 2.27
C ASP A 243 -6.48 -12.09 2.73
N THR A 244 -6.84 -10.84 2.46
CA THR A 244 -8.16 -10.31 2.84
C THR A 244 -9.25 -11.07 2.09
N PHE A 245 -9.08 -11.18 0.77
CA PHE A 245 -10.02 -11.95 -0.06
C PHE A 245 -10.19 -13.40 0.44
N ASP A 246 -9.08 -14.07 0.70
CA ASP A 246 -9.08 -15.48 1.09
C ASP A 246 -9.80 -15.69 2.43
N ARG A 247 -9.69 -14.71 3.31
CA ARG A 247 -10.25 -14.84 4.66
C ARG A 247 -11.65 -14.28 4.81
N LEU A 248 -11.94 -13.19 4.07
CA LEU A 248 -13.21 -12.47 4.29
C LEU A 248 -14.11 -12.37 3.06
N GLY A 249 -13.60 -12.80 1.92
CA GLY A 249 -14.32 -12.68 0.64
C GLY A 249 -14.31 -11.28 0.06
N LEU A 250 -14.83 -11.17 -1.15
CA LEU A 250 -14.85 -9.92 -1.89
C LEU A 250 -15.67 -8.81 -1.20
N ASP A 251 -16.71 -9.19 -0.47
CA ASP A 251 -17.56 -8.22 0.24
C ASP A 251 -16.82 -7.33 1.25
N ALA A 252 -15.68 -7.81 1.72
CA ALA A 252 -14.90 -7.07 2.70
C ALA A 252 -13.98 -6.04 2.04
N ILE A 253 -14.00 -5.99 0.71
CA ILE A 253 -13.05 -5.16 -0.05
C ILE A 253 -13.82 -4.13 -0.89
N ALA A 254 -13.48 -2.85 -0.74
CA ALA A 254 -14.12 -1.80 -1.57
C ALA A 254 -13.03 -1.18 -2.43
N GLN A 255 -13.44 -0.50 -3.50
CA GLN A 255 -12.47 0.27 -4.30
C GLN A 255 -12.98 1.71 -4.40
N VAL A 256 -12.07 2.68 -4.25
CA VAL A 256 -12.43 4.10 -4.32
CA VAL A 256 -12.47 4.09 -4.37
C VAL A 256 -11.67 4.79 -5.45
N ASN A 257 -12.41 5.53 -6.25
CA ASN A 257 -11.82 6.32 -7.30
C ASN A 257 -11.11 7.54 -6.70
N LEU A 258 -9.79 7.61 -6.89
CA LEU A 258 -9.03 8.79 -6.48
C LEU A 258 -8.89 9.83 -7.60
N GLY A 259 -9.34 9.48 -8.80
CA GLY A 259 -9.28 10.36 -9.98
C GLY A 259 -7.88 10.32 -10.57
N VAL A 260 -7.34 11.47 -10.94
CA VAL A 260 -6.00 11.52 -11.51
C VAL A 260 -4.97 11.50 -10.37
N ARG A 261 -4.00 10.60 -10.47
CA ARG A 261 -2.99 10.45 -9.43
C ARG A 261 -1.61 10.49 -10.06
N GLU A 262 -0.85 11.56 -9.81
CA GLU A 262 0.54 11.62 -10.26
C GLU A 262 1.52 11.19 -9.17
N HIS A 263 2.65 10.64 -9.60
CA HIS A 263 3.71 10.20 -8.72
C HIS A 263 5.04 10.21 -9.47
N ARG A 264 6.15 9.93 -8.78
CA ARG A 264 7.44 9.92 -9.48
C ARG A 264 7.62 8.58 -10.19
N ASN A 265 8.33 8.60 -11.32
CA ASN A 265 8.58 7.38 -12.11
C ASN A 265 9.49 6.41 -11.35
N ARG A 266 9.02 5.19 -11.14
CA ARG A 266 9.89 4.13 -10.59
C ARG A 266 10.92 3.73 -11.68
N PRO A 267 12.21 3.60 -11.30
CA PRO A 267 13.17 3.38 -12.38
C PRO A 267 12.95 2.07 -13.12
N LEU A 268 13.17 2.11 -14.42
CA LEU A 268 12.82 1.01 -15.31
C LEU A 268 13.60 -0.25 -14.97
N ALA A 269 14.84 -0.09 -14.52
CA ALA A 269 15.67 -1.24 -14.14
C ALA A 269 15.07 -2.10 -13.06
N GLU A 270 14.28 -1.52 -12.18
CA GLU A 270 13.75 -2.25 -11.02
C GLU A 270 12.50 -3.09 -11.32
N LEU A 271 11.92 -2.91 -12.50
CA LEU A 271 10.61 -3.51 -12.76
C LEU A 271 10.64 -5.04 -12.81
N GLY A 272 11.72 -5.62 -13.35
CA GLY A 272 11.85 -7.09 -13.34
C GLY A 272 11.87 -7.65 -11.93
N ALA A 273 12.66 -7.03 -11.05
CA ALA A 273 12.74 -7.43 -9.62
C ALA A 273 11.38 -7.28 -8.94
N MET A 274 10.68 -6.19 -9.25
CA MET A 274 9.36 -5.97 -8.65
C MET A 274 8.40 -7.09 -9.10
N SER A 275 8.40 -7.36 -10.39
CA SER A 275 7.58 -8.44 -10.97
CA SER A 275 7.59 -8.42 -11.00
C SER A 275 7.87 -9.77 -10.34
N ARG A 276 9.16 -10.10 -10.19
CA ARG A 276 9.58 -11.33 -9.58
C ARG A 276 9.05 -11.49 -8.14
N GLN A 277 9.04 -10.41 -7.37
CA GLN A 277 8.56 -10.44 -5.98
C GLN A 277 7.01 -10.53 -5.93
N VAL A 278 6.33 -9.81 -6.82
CA VAL A 278 4.88 -9.93 -6.94
C VAL A 278 4.51 -11.40 -7.24
N ILE A 279 5.24 -11.99 -8.17
CA ILE A 279 5.03 -13.41 -8.48
C ILE A 279 5.28 -14.30 -7.25
N ALA A 280 6.39 -14.10 -6.56
CA ALA A 280 6.71 -14.95 -5.39
C ALA A 280 5.57 -14.86 -4.35
N THR A 281 5.14 -13.62 -4.06
CA THR A 281 4.11 -13.40 -3.08
C THR A 281 2.79 -14.04 -3.49
N LEU A 282 2.38 -13.82 -4.73
CA LEU A 282 1.12 -14.34 -5.24
CA LEU A 282 1.09 -14.33 -5.18
C LEU A 282 1.14 -15.87 -5.25
N LEU A 283 2.21 -16.46 -5.81
CA LEU A 283 2.32 -17.95 -5.80
C LEU A 283 2.21 -18.51 -4.39
N SER A 284 2.95 -17.90 -3.46
CA SER A 284 2.97 -18.39 -2.09
CA SER A 284 2.99 -18.29 -2.04
C SER A 284 1.56 -18.32 -1.44
N ARG A 285 0.80 -17.27 -1.71
CA ARG A 285 -0.55 -17.14 -1.16
C ARG A 285 -1.48 -18.18 -1.78
N CYS A 286 -1.16 -18.60 -2.99
CA CYS A 286 -2.00 -19.52 -3.75
C CYS A 286 -1.61 -20.98 -3.50
N GLY A 287 -0.65 -21.21 -2.61
CA GLY A 287 -0.22 -22.55 -2.27
C GLY A 287 0.69 -23.23 -3.29
N ILE A 288 1.36 -22.42 -4.12
CA ILE A 288 2.23 -22.91 -5.17
C ILE A 288 3.67 -22.65 -4.76
N PRO A 289 4.50 -23.69 -4.73
CA PRO A 289 5.88 -23.57 -4.28
C PRO A 289 6.67 -22.73 -5.26
N ASP A 290 7.19 -21.61 -4.80
CA ASP A 290 8.06 -20.76 -5.64
C ASP A 290 9.46 -21.24 -5.36
N SER A 291 10.29 -21.29 -6.40
CA SER A 291 11.65 -21.80 -6.25
C SER A 291 12.52 -20.98 -5.28
N GLY A 292 12.15 -19.72 -5.02
CA GLY A 292 13.00 -18.78 -4.24
C GLY A 292 14.24 -18.29 -5.00
N VAL A 293 14.36 -18.63 -6.29
CA VAL A 293 15.50 -18.21 -7.09
C VAL A 293 15.22 -16.82 -7.69
N GLY A 294 16.13 -15.85 -7.45
CA GLY A 294 15.87 -14.52 -7.96
C GLY A 294 15.96 -14.43 -9.48
N LEU A 295 15.36 -13.39 -10.03
CA LEU A 295 15.48 -13.11 -11.45
C LEU A 295 16.92 -12.69 -11.82
N THR A 296 17.53 -13.39 -12.79
CA THR A 296 18.83 -12.93 -13.33
C THR A 296 18.50 -12.15 -14.62
N GLN A 297 18.85 -10.88 -14.64
CA GLN A 297 18.69 -10.11 -15.86
C GLN A 297 20.04 -10.05 -16.62
N PHE A 298 19.95 -10.09 -17.92
CA PHE A 298 21.12 -10.02 -18.80
C PHE A 298 21.06 -8.71 -19.53
N VAL A 299 21.86 -7.77 -19.04
CA VAL A 299 21.83 -6.40 -19.52
C VAL A 299 22.91 -6.17 -20.57
N ALA A 300 22.53 -5.76 -21.79
CA ALA A 300 23.49 -5.61 -22.89
C ALA A 300 24.49 -4.52 -22.50
N ASP A 301 25.77 -4.78 -22.69
CA ASP A 301 26.82 -3.82 -22.31
C ASP A 301 26.95 -2.67 -23.30
N GLY A 302 26.38 -2.90 -24.47
CA GLY A 302 26.57 -2.03 -25.63
C GLY A 302 25.48 -2.26 -26.67
N PRO A 303 25.39 -1.34 -27.66
CA PRO A 303 24.39 -1.46 -28.72
C PRO A 303 24.51 -2.70 -29.62
N GLU A 304 25.73 -3.22 -29.82
CA GLU A 304 25.94 -4.41 -30.64
C GLU A 304 25.59 -5.76 -29.96
N GLY A 305 25.34 -5.75 -28.64
CA GLY A 305 24.99 -6.99 -27.91
C GLY A 305 26.16 -7.99 -27.92
N GLN A 306 27.38 -7.45 -27.82
CA GLN A 306 28.63 -8.23 -27.79
C GLN A 306 29.07 -8.75 -26.41
N SER A 307 28.46 -8.23 -25.34
CA SER A 307 28.67 -8.72 -23.99
C SER A 307 27.47 -8.32 -23.15
N TYR A 308 27.18 -9.11 -22.13
CA TYR A 308 26.05 -8.84 -21.26
C TYR A 308 26.51 -8.88 -19.82
N THR A 309 25.98 -7.96 -19.05
CA THR A 309 26.19 -7.95 -17.62
C THR A 309 25.05 -8.80 -16.99
N GLN A 310 25.44 -9.69 -16.07
CA GLN A 310 24.47 -10.57 -15.40
C GLN A 310 24.16 -9.99 -14.01
N HIS A 311 22.92 -9.59 -13.80
CA HIS A 311 22.50 -8.98 -12.55
C HIS A 311 21.36 -9.79 -11.92
N THR A 312 21.64 -10.39 -10.77
CA THR A 312 20.62 -11.24 -10.07
C THR A 312 20.04 -10.45 -8.90
N TRP A 313 18.75 -10.21 -8.98
CA TRP A 313 18.00 -9.44 -7.98
C TRP A 313 17.53 -10.42 -6.87
N PRO A 314 17.56 -9.99 -5.61
CA PRO A 314 17.08 -10.91 -4.56
C PRO A 314 15.57 -11.02 -4.61
N VAL A 315 15.06 -12.16 -4.18
CA VAL A 315 13.60 -12.32 -4.02
C VAL A 315 13.38 -12.94 -2.63
N SER A 316 12.25 -12.61 -2.00
CA SER A 316 12.00 -13.20 -0.68
C SER A 316 10.71 -14.00 -0.61
N LEU A 317 10.79 -15.16 0.03
CA LEU A 317 9.60 -15.97 0.29
C LEU A 317 9.15 -15.85 1.74
N ALA A 318 9.82 -14.99 2.49
CA ALA A 318 9.63 -14.90 3.93
C ALA A 318 8.63 -13.79 4.26
N ASP A 319 7.42 -14.17 4.68
CA ASP A 319 6.46 -13.17 5.25
C ASP A 319 6.97 -12.77 6.64
N ARG A 320 6.40 -11.68 7.16
CA ARG A 320 6.36 -11.44 8.63
C ARG A 320 5.03 -11.99 9.15
N PRO A 321 5.04 -12.51 10.40
CA PRO A 321 3.82 -13.11 10.93
C PRO A 321 2.83 -11.98 11.24
N PRO A 322 1.57 -12.34 11.51
CA PRO A 322 0.61 -11.36 12.02
C PRO A 322 1.22 -10.56 13.17
N MET A 323 1.02 -9.24 13.15
CA MET A 323 1.60 -8.40 14.23
C MET A 323 1.02 -8.77 15.61
N GLN A 324 -0.16 -9.38 15.63
CA GLN A 324 -0.75 -9.87 16.87
C GLN A 324 0.13 -10.93 17.57
N ALA A 325 0.97 -11.60 16.76
CA ALA A 325 1.90 -12.61 17.30
C ALA A 325 3.17 -11.98 17.91
N ILE A 326 3.38 -10.69 17.64
CA ILE A 326 4.62 -9.99 18.05
C ILE A 326 4.41 -8.87 19.06
N ARG A 327 3.55 -7.93 18.69
CA ARG A 327 3.26 -6.82 19.58
C ARG A 327 1.74 -6.73 19.60
N PRO A 328 1.10 -7.62 20.37
CA PRO A 328 -0.36 -7.62 20.39
C PRO A 328 -0.92 -6.44 21.18
N ARG A 329 -2.06 -5.96 20.73
CA ARG A 329 -2.85 -5.03 21.53
C ARG A 329 -3.57 -5.90 22.55
P PO4 B . 14.59 -11.95 11.76
O1 PO4 B . 14.54 -12.99 10.69
O2 PO4 B . 15.88 -12.09 12.61
O3 PO4 B . 14.80 -10.60 11.05
O4 PO4 B . 13.46 -11.66 12.63
C1 CIT C . 3.07 -0.57 -11.11
O1 CIT C . 2.61 -1.22 -12.05
O2 CIT C . 4.17 -0.03 -11.30
C2 CIT C . 2.34 -0.45 -9.79
C3 CIT C . 2.40 0.95 -9.17
O7 CIT C . 3.78 1.32 -8.92
C4 CIT C . 1.60 0.98 -7.87
C5 CIT C . 1.52 2.37 -7.27
O3 CIT C . 1.74 3.36 -8.00
O4 CIT C . 1.24 2.57 -6.05
C6 CIT C . 1.87 1.97 -10.16
O5 CIT C . 0.63 2.17 -10.33
O6 CIT C . 2.70 2.65 -10.80
C1 MRD D . 9.29 3.04 1.24
C2 MRD D . 9.16 3.11 -0.27
O2 MRD D . 10.00 4.17 -0.81
CM MRD D . 9.62 1.77 -0.86
C3 MRD D . 7.71 3.39 -0.66
C4 MRD D . 7.49 4.67 -1.47
O4 MRD D . 6.63 5.57 -0.80
C5 MRD D . 6.95 4.33 -2.87
C1 MRD E . 14.34 -3.34 -17.83
C2 MRD E . 13.00 -3.83 -17.27
O2 MRD E . 13.26 -4.55 -15.98
CM MRD E . 12.09 -2.63 -16.97
C3 MRD E . 12.27 -4.66 -18.36
C4 MRD E . 11.61 -3.82 -19.49
O4 MRD E . 10.32 -3.32 -19.15
C5 MRD E . 11.50 -4.54 -20.83
C1 MRD F . -2.17 3.66 -12.88
C2 MRD F . -0.94 2.80 -13.20
O2 MRD F . -1.05 1.48 -12.55
CM MRD F . -0.98 2.53 -14.71
C3 MRD F . 0.35 3.46 -12.66
C4 MRD F . 0.89 4.82 -13.15
O4 MRD F . 0.60 5.08 -14.50
C5 MRD F . 2.41 4.89 -13.06
#